data_9L7E
#
_entry.id   9L7E
#
_cell.length_a   49.360
_cell.length_b   67.930
_cell.length_c   55.450
_cell.angle_alpha   90.00
_cell.angle_beta   96.05
_cell.angle_gamma   90.00
#
_symmetry.space_group_name_H-M   'P 1 21 1'
#
loop_
_entity.id
_entity.type
_entity.pdbx_description
1 polymer 'Kinesin-1 heavy chain'
2 non-polymer 'MAGNESIUM ION'
3 non-polymer "ADENOSINE-5'-DIPHOSPHATE"
4 water water
#
_entity_poly.entity_id   1
_entity_poly.type   'polypeptide(L)'
_entity_poly.pdbx_seq_one_letter_code
;MADLAESNIKVMCRFRPLNESEVNRGDKYIAKFQGEDTVVIASKPYAFDRVFQSSTSQEQVYNDAAKKIVKDVLEGYNGT
IFAYGQTSSGKTHTMEGKLHDPEGMGIIPRIVQDIFNYIYSMDENLEFHIKVSYFEIYLDKIRDLLDVSKTNLSVHEDKN
RVPYVKGATERFVSSPDEVMDTIDEGKSNRHVAVTNMNEHSSRSHSIFLINVKQENTQTEQKLSGKLYLVDLAASEKVSK
TGAEGAVLDEAKNINKSLSALGNVISALAEGSTYVPYRDSKMTRILQDSLGGNARTTIVICCSPSSYNESETKSTLLFGQ
RAKTIKNTVSVNVELTAEQWKKKYEKEKEHHHHHH
;
_entity_poly.pdbx_strand_id   A
#
# COMPACT_ATOMS: atom_id res chain seq x y z
N SER A 7 10.64 -10.01 11.68
CA SER A 7 10.04 -8.74 11.13
C SER A 7 8.60 -8.48 11.56
N ASN A 8 8.13 -7.26 11.28
CA ASN A 8 6.78 -6.85 11.69
C ASN A 8 5.85 -6.76 10.46
N ILE A 9 6.02 -7.69 9.54
CA ILE A 9 5.18 -7.75 8.36
C ILE A 9 3.92 -8.54 8.64
N LYS A 10 2.77 -7.92 8.42
CA LYS A 10 1.52 -8.61 8.48
C LYS A 10 0.94 -8.75 7.08
N VAL A 11 0.37 -9.92 6.79
CA VAL A 11 -0.42 -10.06 5.59
C VAL A 11 -1.91 -10.24 5.93
N MET A 12 -2.74 -9.44 5.29
CA MET A 12 -4.16 -9.60 5.39
C MET A 12 -4.74 -9.74 4.01
N CYS A 13 -5.63 -10.69 3.88
CA CYS A 13 -6.21 -11.05 2.60
C CYS A 13 -7.62 -10.49 2.50
N ARG A 14 -7.92 -9.78 1.40
CA ARG A 14 -9.28 -9.25 1.20
C ARG A 14 -9.96 -9.80 -0.04
N PHE A 15 -11.06 -10.52 0.18
CA PHE A 15 -11.93 -10.86 -0.94
C PHE A 15 -12.96 -9.83 -1.16
N ARG A 16 -13.07 -9.39 -2.39
CA ARG A 16 -14.13 -8.50 -2.74
C ARG A 16 -15.39 -9.34 -3.16
N PRO A 17 -16.56 -8.69 -3.41
CA PRO A 17 -17.74 -9.45 -3.94
C PRO A 17 -17.51 -9.89 -5.39
N LEU A 18 -18.23 -10.90 -5.87
CA LEU A 18 -18.36 -11.16 -7.33
C LEU A 18 -18.84 -9.91 -8.03
N ASN A 19 -18.28 -9.59 -9.19
CA ASN A 19 -18.78 -8.42 -9.92
C ASN A 19 -19.87 -8.77 -10.95
N GLU A 20 -20.49 -7.76 -11.53
CA GLU A 20 -21.59 -7.96 -12.46
C GLU A 20 -21.17 -8.95 -13.54
N SER A 21 -20.03 -8.66 -14.17
CA SER A 21 -19.53 -9.37 -15.34
C SER A 21 -19.13 -10.83 -15.09
N GLU A 22 -18.65 -11.13 -13.88
CA GLU A 22 -18.39 -12.49 -13.42
C GLU A 22 -19.68 -13.30 -13.24
N VAL A 23 -20.72 -12.63 -12.77
CA VAL A 23 -22.02 -13.25 -12.57
C VAL A 23 -22.74 -13.57 -13.91
N ASN A 24 -22.60 -12.70 -14.92
CA ASN A 24 -23.03 -12.94 -16.33
C ASN A 24 -22.50 -14.26 -16.95
N ARG A 25 -21.20 -14.54 -16.79
CA ARG A 25 -20.73 -15.91 -16.93
C ARG A 25 -21.28 -16.63 -15.72
N GLY A 26 -21.23 -17.94 -15.72
CA GLY A 26 -21.76 -18.67 -14.59
C GLY A 26 -20.72 -18.96 -13.54
N ASP A 27 -19.82 -18.01 -13.29
CA ASP A 27 -18.77 -18.14 -12.26
C ASP A 27 -19.36 -18.42 -10.90
N LYS A 28 -18.71 -19.31 -10.16
CA LYS A 28 -19.12 -19.56 -8.80
C LYS A 28 -18.13 -18.93 -7.82
N TYR A 29 -18.63 -18.78 -6.60
CA TYR A 29 -17.90 -18.25 -5.47
C TYR A 29 -17.08 -19.37 -4.86
N ILE A 30 -15.79 -19.41 -5.19
CA ILE A 30 -14.95 -20.53 -4.75
C ILE A 30 -14.26 -20.36 -3.41
N ALA A 31 -14.36 -19.16 -2.83
CA ALA A 31 -13.61 -18.84 -1.61
C ALA A 31 -14.36 -19.20 -0.33
N LYS A 32 -13.78 -20.12 0.43
CA LYS A 32 -14.41 -20.63 1.67
C LYS A 32 -13.72 -20.06 2.90
N PHE A 33 -14.46 -19.87 3.99
CA PHE A 33 -13.88 -19.22 5.16
C PHE A 33 -13.88 -20.03 6.47
N GLN A 34 -12.71 -20.03 7.11
CA GLN A 34 -12.42 -20.83 8.28
C GLN A 34 -11.85 -19.88 9.34
N GLY A 35 -12.63 -19.54 10.39
CA GLY A 35 -12.19 -18.55 11.41
C GLY A 35 -12.02 -17.15 10.82
N GLU A 36 -11.20 -16.30 11.45
CA GLU A 36 -10.97 -14.93 10.96
C GLU A 36 -9.58 -14.66 10.34
N ASP A 37 -8.83 -15.74 10.14
CA ASP A 37 -7.49 -15.64 9.70
C ASP A 37 -7.15 -16.62 8.58
N THR A 38 -8.15 -17.39 8.14
CA THR A 38 -7.94 -18.52 7.21
C THR A 38 -8.88 -18.47 5.99
N VAL A 39 -8.33 -18.62 4.78
CA VAL A 39 -9.16 -18.81 3.58
C VAL A 39 -8.89 -20.19 3.01
N VAL A 40 -9.93 -20.82 2.46
CA VAL A 40 -9.80 -22.19 1.96
C VAL A 40 -10.20 -22.27 0.51
N ILE A 41 -9.35 -22.86 -0.32
CA ILE A 41 -9.54 -22.89 -1.77
C ILE A 41 -9.09 -24.25 -2.25
N ALA A 42 -9.99 -24.98 -2.92
CA ALA A 42 -9.75 -26.37 -3.35
C ALA A 42 -9.41 -27.26 -2.16
N SER A 43 -10.03 -26.97 -1.00
CA SER A 43 -9.70 -27.62 0.29
C SER A 43 -8.34 -27.28 0.98
N LYS A 44 -7.41 -26.61 0.27
CA LYS A 44 -6.17 -26.10 0.90
C LYS A 44 -6.49 -24.91 1.83
N PRO A 45 -6.04 -24.96 3.10
CA PRO A 45 -6.16 -23.75 3.91
C PRO A 45 -5.00 -22.79 3.59
N TYR A 46 -5.24 -21.49 3.68
CA TYR A 46 -4.21 -20.45 3.57
C TYR A 46 -4.43 -19.48 4.71
N ALA A 47 -3.43 -19.36 5.55
CA ALA A 47 -3.56 -18.66 6.81
C ALA A 47 -2.80 -17.35 6.77
N PHE A 48 -3.45 -16.30 7.23
CA PHE A 48 -2.89 -14.98 7.20
C PHE A 48 -3.10 -14.26 8.54
N ASP A 49 -2.61 -13.04 8.69
CA ASP A 49 -2.88 -12.32 9.93
C ASP A 49 -4.34 -11.90 10.10
N ARG A 50 -5.04 -11.72 8.97
CA ARG A 50 -6.50 -11.58 8.96
C ARG A 50 -7.08 -11.97 7.60
N VAL A 51 -8.31 -12.46 7.56
CA VAL A 51 -9.03 -12.63 6.28
C VAL A 51 -10.34 -11.80 6.24
N PHE A 52 -10.49 -11.01 5.19
CA PHE A 52 -11.64 -10.15 5.04
C PHE A 52 -12.57 -10.73 4.00
N GLN A 53 -13.77 -11.08 4.44
CA GLN A 53 -14.79 -11.65 3.56
C GLN A 53 -15.38 -10.59 2.66
N SER A 54 -16.14 -11.01 1.65
CA SER A 54 -16.53 -10.12 0.55
C SER A 54 -17.18 -8.82 0.92
N SER A 55 -17.95 -8.82 1.99
CA SER A 55 -18.75 -7.63 2.27
C SER A 55 -18.18 -6.80 3.40
N THR A 56 -16.96 -7.10 3.83
CA THR A 56 -16.21 -6.29 4.81
C THR A 56 -16.21 -4.81 4.43
N SER A 57 -16.52 -3.99 5.43
CA SER A 57 -16.61 -2.55 5.23
C SER A 57 -15.21 -2.00 5.09
N GLN A 58 -15.17 -0.82 4.49
CA GLN A 58 -13.95 -0.08 4.26
C GLN A 58 -13.34 0.30 5.64
N GLU A 59 -14.19 0.62 6.62
CA GLU A 59 -13.68 0.94 7.97
C GLU A 59 -13.09 -0.23 8.76
N GLN A 60 -13.65 -1.42 8.63
CA GLN A 60 -13.02 -2.57 9.25
C GLN A 60 -11.63 -2.86 8.65
N VAL A 61 -11.47 -2.71 7.33
CA VAL A 61 -10.16 -2.94 6.68
C VAL A 61 -9.17 -1.92 7.23
N TYR A 62 -9.57 -0.66 7.30
CA TYR A 62 -8.72 0.34 7.90
C TYR A 62 -8.26 -0.03 9.30
N ASN A 63 -9.23 -0.27 10.20
CA ASN A 63 -8.96 -0.56 11.61
C ASN A 63 -7.94 -1.69 11.86
N ASP A 64 -8.02 -2.75 11.07
CA ASP A 64 -7.13 -3.90 11.24
C ASP A 64 -5.82 -3.75 10.45
N ALA A 65 -5.90 -3.10 9.29
CA ALA A 65 -4.76 -3.09 8.43
C ALA A 65 -3.82 -1.98 8.83
N ALA A 66 -4.40 -0.85 9.18
CA ALA A 66 -3.71 0.42 9.11
C ALA A 66 -3.64 1.25 10.41
N LYS A 67 -4.67 1.16 11.23
CA LYS A 67 -4.78 2.10 12.36
C LYS A 67 -3.54 2.06 13.25
N LYS A 68 -3.08 0.87 13.65
CA LYS A 68 -1.95 0.75 14.57
C LYS A 68 -0.69 1.36 13.93
N ILE A 69 -0.48 1.11 12.64
CA ILE A 69 0.68 1.72 11.96
C ILE A 69 0.68 3.26 12.03
N VAL A 70 -0.48 3.90 11.94
CA VAL A 70 -0.54 5.36 12.11
C VAL A 70 0.07 5.78 13.47
N LYS A 71 -0.46 5.17 14.53
CA LYS A 71 0.01 5.38 15.85
C LYS A 71 1.53 5.23 15.88
N ASP A 72 2.04 4.13 15.32
CA ASP A 72 3.46 3.90 15.33
C ASP A 72 4.20 4.98 14.56
N VAL A 73 3.58 5.51 13.51
CA VAL A 73 4.21 6.62 12.80
C VAL A 73 4.28 7.91 13.65
N LEU A 74 3.19 8.14 14.39
CA LEU A 74 3.07 9.27 15.26
C LEU A 74 3.95 9.10 16.49
N GLU A 75 4.41 7.87 16.69
CA GLU A 75 5.26 7.52 17.82
C GLU A 75 6.71 7.48 17.31
N GLY A 76 6.87 7.84 16.02
CA GLY A 76 8.17 8.03 15.39
C GLY A 76 8.74 6.89 14.58
N TYR A 77 7.99 5.82 14.38
CA TYR A 77 8.45 4.73 13.50
C TYR A 77 8.13 5.02 12.02
N ASN A 78 8.77 4.27 11.12
CA ASN A 78 8.36 4.27 9.72
C ASN A 78 7.50 3.07 9.40
N GLY A 79 6.80 3.12 8.26
CA GLY A 79 5.86 2.09 7.93
C GLY A 79 5.45 2.04 6.48
N THR A 80 4.95 0.88 6.07
CA THR A 80 4.47 0.68 4.71
C THR A 80 3.14 -0.08 4.73
N ILE A 81 2.23 0.36 3.87
CA ILE A 81 1.07 -0.40 3.59
C ILE A 81 1.03 -0.52 2.08
N PHE A 82 0.73 -1.74 1.63
CA PHE A 82 0.67 -2.15 0.23
C PHE A 82 -0.68 -2.79 -0.08
N ALA A 83 -1.18 -2.54 -1.27
CA ALA A 83 -2.23 -3.38 -1.85
C ALA A 83 -1.59 -4.07 -3.05
N TYR A 84 -1.73 -5.38 -3.03
CA TYR A 84 -1.15 -6.32 -3.96
C TYR A 84 -2.30 -7.17 -4.47
N GLY A 85 -2.24 -7.51 -5.76
CA GLY A 85 -3.27 -8.36 -6.34
C GLY A 85 -3.50 -8.30 -7.84
N GLN A 86 -4.37 -9.16 -8.30
CA GLN A 86 -4.80 -9.15 -9.67
C GLN A 86 -5.50 -7.84 -10.14
N THR A 87 -5.32 -7.46 -11.40
CA THR A 87 -6.18 -6.45 -12.04
C THR A 87 -7.62 -6.64 -11.62
N SER A 88 -8.24 -5.58 -11.11
CA SER A 88 -9.65 -5.61 -10.71
C SER A 88 -9.89 -6.34 -9.39
N SER A 89 -8.82 -6.75 -8.70
CA SER A 89 -9.03 -7.44 -7.43
C SER A 89 -9.51 -6.56 -6.27
N GLY A 90 -9.25 -5.25 -6.34
CA GLY A 90 -9.67 -4.32 -5.29
C GLY A 90 -8.56 -3.48 -4.65
N LYS A 91 -7.41 -3.34 -5.33
CA LYS A 91 -6.25 -2.71 -4.77
C LYS A 91 -6.56 -1.26 -4.51
N THR A 92 -7.11 -0.58 -5.55
CA THR A 92 -7.37 0.85 -5.54
C THR A 92 -8.57 1.22 -4.63
N HIS A 93 -9.58 0.35 -4.65
CA HIS A 93 -10.71 0.41 -3.72
C HIS A 93 -10.20 0.28 -2.26
N THR A 94 -9.27 -0.63 -2.02
CA THR A 94 -8.63 -0.68 -0.72
C THR A 94 -7.83 0.58 -0.33
N MET A 95 -6.86 1.03 -1.15
CA MET A 95 -6.04 2.17 -0.75
C MET A 95 -6.71 3.54 -0.83
N GLU A 96 -7.48 3.79 -1.90
CA GLU A 96 -8.09 5.09 -2.14
C GLU A 96 -9.53 4.94 -1.79
N GLY A 97 -10.21 4.03 -2.52
CA GLY A 97 -11.66 3.88 -2.47
C GLY A 97 -12.32 5.12 -3.05
N LYS A 98 -13.53 5.48 -2.56
CA LYS A 98 -14.18 6.80 -2.91
C LYS A 98 -13.58 7.88 -2.02
N LEU A 99 -12.58 8.56 -2.52
CA LEU A 99 -11.80 9.54 -1.74
C LEU A 99 -12.59 10.45 -0.78
N HIS A 100 -13.73 10.99 -1.21
CA HIS A 100 -14.38 12.01 -0.38
C HIS A 100 -15.59 11.46 0.37
N ASP A 101 -15.83 10.16 0.27
CA ASP A 101 -17.06 9.53 0.78
C ASP A 101 -16.80 8.94 2.16
N PRO A 102 -17.53 9.42 3.18
CA PRO A 102 -17.24 8.99 4.56
C PRO A 102 -17.27 7.49 4.73
N GLU A 103 -18.14 6.82 3.98
CA GLU A 103 -18.20 5.37 4.08
C GLU A 103 -17.40 4.59 3.04
N GLY A 104 -17.25 5.15 1.84
CA GLY A 104 -16.59 4.49 0.70
C GLY A 104 -15.09 4.71 0.67
N MET A 105 -14.65 5.70 1.47
CA MET A 105 -13.27 6.08 1.76
C MET A 105 -12.39 4.85 1.98
N GLY A 106 -11.23 4.79 1.31
CA GLY A 106 -10.29 3.66 1.49
C GLY A 106 -9.21 3.98 2.51
N ILE A 107 -8.08 3.27 2.49
CA ILE A 107 -7.09 3.41 3.57
C ILE A 107 -6.42 4.76 3.65
N ILE A 108 -6.00 5.33 2.53
CA ILE A 108 -5.25 6.56 2.56
C ILE A 108 -6.03 7.69 3.19
N PRO A 109 -7.26 7.95 2.71
CA PRO A 109 -7.91 9.10 3.29
C PRO A 109 -8.22 8.89 4.80
N ARG A 110 -8.36 7.64 5.28
CA ARG A 110 -8.63 7.48 6.70
C ARG A 110 -7.37 7.80 7.49
N ILE A 111 -6.22 7.40 6.94
CA ILE A 111 -4.94 7.59 7.62
C ILE A 111 -4.74 9.08 7.79
N VAL A 112 -5.11 9.83 6.77
CA VAL A 112 -4.95 11.27 6.80
C VAL A 112 -5.88 11.89 7.85
N GLN A 113 -7.06 11.31 8.00
CA GLN A 113 -7.99 11.81 9.02
C GLN A 113 -7.44 11.53 10.40
N ASP A 114 -6.97 10.30 10.65
CA ASP A 114 -6.41 9.98 11.96
C ASP A 114 -5.18 10.81 12.35
N ILE A 115 -4.25 10.98 11.42
CA ILE A 115 -3.06 11.73 11.65
C ILE A 115 -3.39 13.12 12.14
N PHE A 116 -4.34 13.77 11.46
CA PHE A 116 -4.78 15.11 11.84
C PHE A 116 -5.63 15.15 13.11
N ASN A 117 -6.38 14.07 13.41
CA ASN A 117 -7.08 13.98 14.67
C ASN A 117 -6.09 13.99 15.82
N TYR A 118 -4.88 13.46 15.61
CA TYR A 118 -3.84 13.49 16.64
C TYR A 118 -3.19 14.88 16.72
N ILE A 119 -2.90 15.49 15.56
CA ILE A 119 -2.24 16.80 15.52
C ILE A 119 -3.08 17.86 16.19
N TYR A 120 -4.36 17.90 15.83
CA TYR A 120 -5.25 18.90 16.36
C TYR A 120 -5.56 18.66 17.84
N SER A 121 -5.39 17.43 18.30
CA SER A 121 -5.67 17.14 19.70
C SER A 121 -4.46 17.38 20.63
N MET A 122 -3.34 17.82 20.07
CA MET A 122 -2.22 18.31 20.90
C MET A 122 -2.21 19.85 21.05
N GLU A 124 0.60 19.50 23.43
CA GLU A 124 0.23 20.92 23.53
C GLU A 124 1.39 21.80 23.11
N ASN A 125 2.56 21.49 23.67
CA ASN A 125 3.80 22.12 23.26
C ASN A 125 4.33 21.51 21.95
N LEU A 126 3.61 20.50 21.42
CA LEU A 126 4.05 19.75 20.25
C LEU A 126 3.87 20.50 18.95
N GLU A 127 4.97 20.62 18.20
CA GLU A 127 4.88 21.26 16.88
C GLU A 127 5.12 20.26 15.74
N PHE A 128 4.34 20.39 14.68
CA PHE A 128 4.33 19.42 13.58
C PHE A 128 4.63 20.03 12.24
N HIS A 129 5.47 19.33 11.50
CA HIS A 129 5.57 19.55 10.07
C HIS A 129 5.20 18.25 9.31
N ILE A 130 4.24 18.34 8.42
CA ILE A 130 3.75 17.18 7.68
C ILE A 130 3.91 17.46 6.23
N LYS A 131 4.71 16.64 5.54
CA LYS A 131 4.86 16.83 4.13
C LYS A 131 4.63 15.57 3.29
N VAL A 132 4.11 15.79 2.09
CA VAL A 132 3.70 14.66 1.28
C VAL A 132 4.45 14.61 -0.05
N SER A 133 4.72 13.41 -0.53
CA SER A 133 5.22 13.25 -1.87
C SER A 133 4.29 12.22 -2.52
N TYR A 134 4.27 12.15 -3.85
CA TYR A 134 3.38 11.21 -4.54
C TYR A 134 4.06 10.91 -5.84
N PHE A 135 4.48 9.68 -6.03
CA PHE A 135 5.07 9.37 -7.27
C PHE A 135 4.66 8.03 -7.80
N GLU A 136 5.14 7.77 -8.99
CA GLU A 136 4.70 6.63 -9.71
C GLU A 136 5.97 5.89 -10.14
N ILE A 137 5.89 4.56 -10.09
CA ILE A 137 6.90 3.72 -10.70
C ILE A 137 6.32 2.95 -11.87
N TYR A 138 6.96 3.15 -13.01
CA TYR A 138 6.56 2.50 -14.21
C TYR A 138 7.80 2.00 -14.90
N LEU A 139 7.85 0.70 -15.21
CA LEU A 139 9.03 0.15 -15.90
C LEU A 139 10.33 0.39 -15.13
N ASP A 140 10.28 0.23 -13.81
CA ASP A 140 11.41 0.52 -12.91
C ASP A 140 11.96 1.99 -12.98
N LYS A 141 11.11 2.93 -13.40
CA LYS A 141 11.44 4.39 -13.43
C LYS A 141 10.44 5.24 -12.62
N ILE A 142 10.97 6.25 -11.95
CA ILE A 142 10.18 7.13 -11.11
C ILE A 142 9.71 8.43 -11.79
N ARG A 143 8.42 8.68 -11.74
CA ARG A 143 7.88 9.94 -12.18
C ARG A 143 7.20 10.55 -10.99
N ASP A 144 7.34 11.86 -10.86
CA ASP A 144 6.82 12.65 -9.77
C ASP A 144 5.40 12.99 -10.11
N LEU A 145 4.46 12.64 -9.27
CA LEU A 145 3.08 12.87 -9.72
C LEU A 145 2.60 14.31 -9.42
N LEU A 146 3.43 15.07 -8.73
CA LEU A 146 3.14 16.48 -8.42
C LEU A 146 3.88 17.41 -9.38
N ASP A 147 4.81 16.90 -10.15
CA ASP A 147 5.52 17.73 -11.13
C ASP A 147 5.85 16.85 -12.35
N VAL A 148 5.00 16.97 -13.37
CA VAL A 148 5.09 16.09 -14.51
C VAL A 148 6.36 16.41 -15.32
N SER A 149 7.08 17.49 -15.01
CA SER A 149 8.37 17.68 -15.67
C SER A 149 9.46 16.76 -15.10
N LYS A 150 9.15 16.04 -14.00
CA LYS A 150 10.18 15.18 -13.38
C LYS A 150 9.85 13.73 -13.58
N THR A 151 10.44 13.12 -14.59
CA THR A 151 10.05 11.78 -15.07
C THR A 151 11.03 10.60 -14.90
N ASN A 152 12.29 10.86 -14.55
CA ASN A 152 13.19 9.69 -14.42
C ASN A 152 14.11 9.92 -13.25
N LEU A 153 13.53 9.99 -12.09
CA LEU A 153 14.21 10.33 -10.89
C LEU A 153 15.02 9.17 -10.40
N SER A 154 16.06 9.52 -9.69
CA SER A 154 17.01 8.57 -9.16
C SER A 154 16.90 8.54 -7.63
N VAL A 155 17.32 7.40 -7.07
CA VAL A 155 17.30 7.15 -5.61
C VAL A 155 18.74 7.20 -5.05
N HIS A 156 18.92 7.97 -3.98
CA HIS A 156 20.24 8.18 -3.40
C HIS A 156 20.17 7.86 -1.91
N GLU A 157 21.34 7.75 -1.29
CA GLU A 157 21.51 7.54 0.17
C GLU A 157 21.33 8.84 0.92
N PRO A 163 18.18 7.04 2.03
CA PRO A 163 17.06 6.63 1.13
C PRO A 163 16.16 7.84 0.81
N TYR A 164 16.38 8.46 -0.36
CA TYR A 164 15.45 9.56 -0.74
C TYR A 164 15.44 9.62 -2.22
N VAL A 165 14.37 10.22 -2.76
CA VAL A 165 14.23 10.37 -4.20
C VAL A 165 14.65 11.76 -4.54
N LYS A 166 15.75 11.85 -5.29
CA LYS A 166 16.35 13.10 -5.75
C LYS A 166 15.36 13.90 -6.56
N GLY A 167 15.08 15.12 -6.10
CA GLY A 167 14.19 16.01 -6.87
C GLY A 167 12.69 15.86 -6.65
N ALA A 168 12.24 14.86 -5.89
CA ALA A 168 10.78 14.67 -5.72
C ALA A 168 10.17 15.92 -5.10
N THR A 169 9.05 16.36 -5.62
CA THR A 169 8.31 17.41 -4.97
C THR A 169 7.88 17.01 -3.56
N GLU A 170 7.98 17.95 -2.63
CA GLU A 170 7.42 17.76 -1.30
C GLU A 170 6.58 18.97 -0.97
N ARG A 171 5.42 18.71 -0.44
CA ARG A 171 4.46 19.72 -0.17
C ARG A 171 4.17 19.69 1.31
N PHE A 172 4.30 20.83 1.97
CA PHE A 172 3.79 20.97 3.34
C PHE A 172 2.28 21.03 3.38
N VAL A 173 1.66 20.28 4.28
CA VAL A 173 0.17 20.20 4.38
C VAL A 173 -0.34 20.48 5.83
N SER A 174 -1.35 21.36 5.99
CA SER A 174 -1.84 21.79 7.30
C SER A 174 -3.19 21.22 7.66
N SER A 175 -3.85 20.57 6.71
CA SER A 175 -5.19 20.07 6.90
C SER A 175 -5.33 18.81 6.07
N PRO A 176 -6.29 17.92 6.41
CA PRO A 176 -6.55 16.78 5.52
C PRO A 176 -7.03 17.24 4.15
N ASP A 177 -7.51 18.46 4.04
CA ASP A 177 -8.12 18.90 2.76
C ASP A 177 -7.01 19.10 1.76
N GLU A 178 -5.90 19.66 2.23
CA GLU A 178 -4.78 19.91 1.37
C GLU A 178 -4.12 18.59 0.94
N VAL A 179 -4.22 17.55 1.78
CA VAL A 179 -3.68 16.25 1.46
C VAL A 179 -4.50 15.65 0.31
N MET A 180 -5.82 15.64 0.47
CA MET A 180 -6.75 15.06 -0.51
C MET A 180 -6.66 15.84 -1.82
N ASP A 181 -6.49 17.16 -1.74
CA ASP A 181 -6.33 17.97 -2.93
C ASP A 181 -5.05 17.56 -3.66
N THR A 182 -4.02 17.16 -2.89
CA THR A 182 -2.72 16.80 -3.43
C THR A 182 -2.83 15.45 -4.10
N ILE A 183 -3.63 14.54 -3.53
CA ILE A 183 -3.86 13.26 -4.11
C ILE A 183 -4.65 13.45 -5.42
N ASP A 184 -5.75 14.23 -5.41
CA ASP A 184 -6.58 14.46 -6.64
C ASP A 184 -5.73 15.12 -7.74
N GLU A 185 -4.85 16.00 -7.33
CA GLU A 185 -3.94 16.61 -8.27
C GLU A 185 -3.01 15.54 -8.86
N GLY A 186 -2.47 14.69 -8.00
CA GLY A 186 -1.64 13.59 -8.42
C GLY A 186 -2.34 12.68 -9.40
N LYS A 187 -3.53 12.20 -9.01
CA LYS A 187 -4.40 11.33 -9.88
C LYS A 187 -4.62 11.95 -11.23
N SER A 188 -4.71 13.27 -11.31
CA SER A 188 -4.96 13.89 -12.61
C SER A 188 -3.67 14.05 -13.46
N ASN A 189 -2.62 14.55 -12.84
CA ASN A 189 -1.32 14.56 -13.47
C ASN A 189 -0.86 13.17 -13.98
N ARG A 190 -1.33 12.12 -13.35
CA ARG A 190 -0.88 10.81 -13.76
C ARG A 190 -1.35 10.48 -15.18
N HIS A 191 -2.36 11.19 -15.71
CA HIS A 191 -2.94 10.94 -17.04
C HIS A 191 -2.02 11.57 -18.08
N VAL A 192 -1.07 12.38 -17.67
CA VAL A 192 -0.27 13.12 -18.68
C VAL A 192 0.62 12.15 -19.47
N ALA A 193 0.64 12.30 -20.79
CA ALA A 193 1.42 11.43 -21.69
C ALA A 193 1.06 9.96 -21.45
N VAL A 194 -0.15 9.70 -21.00
CA VAL A 194 -0.66 8.36 -20.92
C VAL A 194 -1.90 8.26 -21.81
N THR A 195 -1.81 7.45 -22.84
CA THR A 195 -2.96 7.09 -23.67
C THR A 195 -4.05 6.28 -22.96
N ASN A 196 -3.68 5.20 -22.30
CA ASN A 196 -4.67 4.37 -21.64
C ASN A 196 -4.50 4.18 -20.12
N MET A 197 -5.37 4.85 -19.39
CA MET A 197 -5.21 5.03 -17.95
C MET A 197 -5.33 3.75 -17.14
N ASN A 198 -6.43 3.02 -17.27
CA ASN A 198 -6.51 1.71 -16.59
C ASN A 198 -5.34 0.82 -16.91
N GLU A 199 -5.02 0.70 -18.20
CA GLU A 199 -3.95 -0.16 -18.62
C GLU A 199 -2.64 0.25 -17.95
N HIS A 200 -2.30 1.54 -18.07
CA HIS A 200 -1.12 2.07 -17.42
C HIS A 200 -1.14 1.88 -15.87
N SER A 201 -2.26 2.20 -15.24
CA SER A 201 -2.32 2.13 -13.76
C SER A 201 -2.26 0.69 -13.27
N SER A 202 -2.78 -0.23 -14.05
CA SER A 202 -2.63 -1.62 -13.67
C SER A 202 -1.21 -2.16 -13.94
N ARG A 203 -0.41 -1.38 -14.66
CA ARG A 203 0.96 -1.75 -14.99
C ARG A 203 2.01 -0.96 -14.23
N SER A 204 1.61 -0.09 -13.29
CA SER A 204 2.59 0.71 -12.60
C SER A 204 2.23 0.76 -11.14
N HIS A 205 3.13 1.31 -10.33
CA HIS A 205 2.93 1.43 -8.87
C HIS A 205 2.69 2.88 -8.55
N SER A 206 1.74 3.18 -7.68
CA SER A 206 1.63 4.54 -7.20
C SER A 206 1.99 4.51 -5.74
N ILE A 207 2.78 5.52 -5.30
CA ILE A 207 3.35 5.59 -3.92
C ILE A 207 3.13 6.96 -3.31
N PHE A 208 2.37 7.00 -2.24
CA PHE A 208 2.14 8.23 -1.48
C PHE A 208 2.98 8.28 -0.17
N LEU A 209 3.67 9.36 0.12
CA LEU A 209 4.52 9.42 1.31
C LEU A 209 4.00 10.54 2.19
N ILE A 210 3.69 10.23 3.44
CA ILE A 210 3.46 11.24 4.45
C ILE A 210 4.65 11.22 5.36
N ASN A 211 5.30 12.35 5.49
CA ASN A 211 6.43 12.46 6.41
C ASN A 211 5.89 13.29 7.58
N VAL A 212 5.95 12.75 8.79
CA VAL A 212 5.38 13.47 9.94
C VAL A 212 6.49 13.85 10.87
N LYS A 213 6.81 15.14 10.93
CA LYS A 213 7.81 15.67 11.87
C LYS A 213 7.12 16.22 13.11
N GLN A 214 7.69 15.93 14.28
CA GLN A 214 7.26 16.58 15.53
C GLN A 214 8.44 17.16 16.29
N GLU A 215 8.24 18.34 16.87
CA GLU A 215 9.16 18.82 17.86
C GLU A 215 8.37 19.18 19.11
N ASN A 216 8.86 18.69 20.24
CA ASN A 216 8.35 19.17 21.50
C ASN A 216 9.08 20.47 21.78
N THR A 217 8.34 21.56 21.76
CA THR A 217 8.92 22.90 21.80
C THR A 217 9.65 23.22 23.10
N GLN A 218 9.27 22.51 24.16
CA GLN A 218 9.81 22.74 25.49
C GLN A 218 10.85 21.69 25.90
N THR A 219 10.98 20.61 25.15
CA THR A 219 11.91 19.54 25.47
C THR A 219 12.89 19.27 24.33
N GLU A 220 12.66 19.90 23.19
CA GLU A 220 13.55 19.76 22.01
C GLU A 220 13.68 18.31 21.51
N GLN A 221 13.00 17.40 22.21
CA GLN A 221 12.61 16.07 21.68
C GLN A 221 11.94 16.19 20.30
N LYS A 222 12.65 15.67 19.30
CA LYS A 222 12.19 15.65 17.91
C LYS A 222 11.86 14.23 17.48
N LEU A 223 10.83 14.08 16.67
CA LEU A 223 10.46 12.79 16.14
C LEU A 223 10.08 12.95 14.68
N SER A 224 10.33 11.89 13.91
CA SER A 224 10.00 11.82 12.52
C SER A 224 9.53 10.40 12.18
N GLY A 225 8.43 10.28 11.46
CA GLY A 225 7.97 9.01 10.92
C GLY A 225 7.55 9.23 9.49
N LYS A 226 7.92 8.27 8.64
CA LYS A 226 7.48 8.23 7.24
C LYS A 226 6.48 7.09 7.01
N LEU A 227 5.45 7.34 6.22
CA LEU A 227 4.48 6.32 5.94
C LEU A 227 4.28 6.28 4.46
N TYR A 228 4.62 5.14 3.84
CA TYR A 228 4.47 4.99 2.42
C TYR A 228 3.23 4.16 2.20
N LEU A 229 2.35 4.58 1.29
CA LEU A 229 1.06 3.91 1.05
C LEU A 229 1.07 3.59 -0.42
N VAL A 230 1.20 2.31 -0.74
CA VAL A 230 1.57 1.89 -2.11
C VAL A 230 0.48 1.04 -2.75
N ASP A 231 -0.03 1.46 -3.92
CA ASP A 231 -1.02 0.70 -4.74
C ASP A 231 -0.19 0.11 -5.86
N LEU A 232 0.03 -1.19 -5.84
CA LEU A 232 1.10 -1.83 -6.62
C LEU A 232 0.56 -2.16 -8.01
N ALA A 233 1.46 -2.35 -8.98
CA ALA A 233 1.04 -2.90 -10.28
C ALA A 233 0.33 -4.22 -10.04
N ALA A 234 -0.56 -4.55 -10.96
CA ALA A 234 -1.26 -5.87 -11.00
C ALA A 234 -0.32 -7.04 -10.95
N SER A 235 -0.75 -8.10 -10.26
CA SER A 235 0.19 -9.19 -9.97
C SER A 235 0.38 -10.25 -11.04
N GLU A 236 -0.55 -10.34 -11.97
CA GLU A 236 -0.54 -11.37 -13.00
C GLU A 236 0.42 -10.99 -14.15
N LYS A 237 1.13 -11.98 -14.68
CA LYS A 237 2.19 -11.76 -15.72
C LYS A 237 1.74 -10.96 -16.94
N VAL A 238 2.66 -10.14 -17.49
CA VAL A 238 2.42 -9.30 -18.68
C VAL A 238 3.68 -9.13 -19.56
N LYS A 252 6.49 -11.41 -20.92
CA LYS A 252 5.77 -12.42 -20.14
C LYS A 252 6.41 -12.69 -18.74
N ASN A 253 6.87 -11.62 -18.12
CA ASN A 253 7.53 -11.73 -16.80
C ASN A 253 6.67 -11.14 -15.69
N ILE A 254 7.03 -11.43 -14.46
CA ILE A 254 6.45 -10.78 -13.28
C ILE A 254 7.07 -9.40 -13.30
N ASN A 255 6.26 -8.42 -12.95
CA ASN A 255 6.71 -7.06 -12.83
C ASN A 255 7.94 -7.04 -11.91
N LYS A 256 8.90 -6.24 -12.30
CA LYS A 256 10.19 -6.20 -11.68
C LYS A 256 10.19 -5.77 -10.22
N SER A 257 9.39 -4.75 -9.89
CA SER A 257 9.33 -4.32 -8.48
C SER A 257 8.64 -5.37 -7.65
N LEU A 258 7.73 -6.14 -8.26
CA LEU A 258 6.98 -7.12 -7.50
C LEU A 258 7.87 -8.32 -7.25
N SER A 259 8.82 -8.68 -8.13
CA SER A 259 9.72 -9.77 -7.79
C SER A 259 10.75 -9.32 -6.73
N ALA A 260 11.17 -8.05 -6.79
CA ALA A 260 12.10 -7.50 -5.81
C ALA A 260 11.45 -7.58 -4.46
N LEU A 261 10.21 -7.16 -4.43
CA LEU A 261 9.44 -7.13 -3.19
C LEU A 261 9.17 -8.55 -2.61
N GLY A 262 9.02 -9.55 -3.47
CA GLY A 262 8.77 -10.87 -2.98
C GLY A 262 10.05 -11.41 -2.33
N ASN A 263 11.19 -10.98 -2.88
CA ASN A 263 12.47 -11.44 -2.48
C ASN A 263 12.87 -10.71 -1.20
N VAL A 264 12.58 -9.41 -1.10
CA VAL A 264 12.79 -8.69 0.15
C VAL A 264 11.95 -9.33 1.28
N ILE A 265 10.68 -9.56 0.99
CA ILE A 265 9.86 -10.19 2.01
C ILE A 265 10.32 -11.59 2.41
N SER A 266 10.72 -12.41 1.45
CA SER A 266 11.16 -13.75 1.82
C SER A 266 12.39 -13.75 2.72
N ALA A 267 13.31 -12.83 2.42
CA ALA A 267 14.56 -12.65 3.13
C ALA A 267 14.31 -12.12 4.54
N LEU A 268 13.40 -11.14 4.69
CA LEU A 268 13.03 -10.71 6.03
C LEU A 268 12.40 -11.84 6.79
N ALA A 269 11.52 -12.60 6.13
CA ALA A 269 10.84 -13.79 6.70
C ALA A 269 11.76 -14.86 7.26
N GLU A 270 12.92 -14.97 6.63
CA GLU A 270 13.95 -15.92 7.02
C GLU A 270 14.83 -15.33 8.11
N GLY A 271 14.64 -14.05 8.44
CA GLY A 271 15.58 -13.38 9.30
C GLY A 271 16.95 -13.35 8.69
N SER A 272 17.03 -12.98 7.41
CA SER A 272 18.31 -12.95 6.75
C SER A 272 18.98 -11.67 7.14
N THR A 273 20.29 -11.70 7.34
CA THR A 273 20.86 -10.47 7.76
C THR A 273 20.96 -9.50 6.56
N TYR A 274 21.17 -10.08 5.39
CA TYR A 274 21.16 -9.32 4.18
C TYR A 274 19.77 -9.37 3.52
N VAL A 275 19.26 -8.20 3.14
CA VAL A 275 17.94 -8.04 2.49
C VAL A 275 18.14 -7.33 1.15
N PRO A 276 17.65 -7.94 0.07
CA PRO A 276 18.04 -7.47 -1.27
C PRO A 276 17.23 -6.26 -1.71
N TYR A 277 17.24 -5.22 -0.88
CA TYR A 277 16.60 -3.96 -1.22
C TYR A 277 17.03 -3.39 -2.58
N ARG A 278 18.26 -3.66 -3.01
CA ARG A 278 18.74 -3.08 -4.26
C ARG A 278 18.12 -3.74 -5.50
N ASP A 279 17.19 -4.68 -5.31
CA ASP A 279 16.62 -5.42 -6.43
C ASP A 279 15.68 -4.55 -7.31
N SER A 280 15.28 -3.38 -6.81
CA SER A 280 14.37 -2.52 -7.56
C SER A 280 14.49 -1.14 -6.99
N LYS A 281 14.18 -0.14 -7.79
CA LYS A 281 14.12 1.20 -7.24
C LYS A 281 13.11 1.29 -6.13
N MET A 282 11.96 0.69 -6.36
CA MET A 282 10.94 0.62 -5.31
C MET A 282 11.44 0.10 -3.96
N THR A 283 12.11 -1.05 -3.94
CA THR A 283 12.47 -1.51 -2.59
C THR A 283 13.67 -0.71 -2.03
N ARG A 284 14.36 0.08 -2.88
CA ARG A 284 15.41 0.99 -2.37
C ARG A 284 14.84 2.22 -1.67
N ILE A 285 13.78 2.81 -2.25
CA ILE A 285 13.09 3.89 -1.61
C ILE A 285 12.47 3.40 -0.31
N LEU A 286 11.93 2.18 -0.30
CA LEU A 286 11.17 1.73 0.89
C LEU A 286 12.06 1.06 1.98
N GLN A 287 13.36 1.05 1.74
CA GLN A 287 14.32 0.40 2.60
C GLN A 287 14.27 0.72 4.11
N ASP A 288 14.07 1.97 4.50
CA ASP A 288 14.00 2.34 5.92
C ASP A 288 12.59 2.18 6.46
N SER A 289 11.67 1.68 5.64
CA SER A 289 10.25 1.66 5.97
C SER A 289 9.64 0.32 5.75
N LEU A 290 10.47 -0.67 5.53
CA LEU A 290 9.98 -2.00 5.24
C LEU A 290 10.97 -2.95 5.86
N GLY A 291 10.54 -3.68 6.87
CA GLY A 291 11.44 -4.58 7.58
C GLY A 291 12.26 -3.85 8.63
N GLY A 292 12.90 -4.63 9.49
CA GLY A 292 13.69 -4.11 10.58
C GLY A 292 12.73 -3.51 11.58
N ASN A 293 12.98 -2.25 11.93
CA ASN A 293 12.15 -1.50 12.85
C ASN A 293 10.92 -0.87 12.22
N ALA A 294 10.71 -1.08 10.94
CA ALA A 294 9.60 -0.44 10.28
C ALA A 294 8.44 -1.36 10.46
N ARG A 295 7.21 -0.85 10.37
CA ARG A 295 6.02 -1.69 10.42
C ARG A 295 5.40 -1.82 9.03
N THR A 296 4.82 -2.96 8.71
CA THR A 296 4.37 -3.28 7.37
C THR A 296 3.13 -4.18 7.46
N THR A 297 2.07 -3.74 6.78
CA THR A 297 0.93 -4.59 6.42
C THR A 297 0.92 -4.68 4.90
N ILE A 298 0.72 -5.90 4.39
CA ILE A 298 0.39 -6.13 3.03
C ILE A 298 -1.06 -6.60 2.95
N VAL A 299 -1.89 -5.82 2.26
CA VAL A 299 -3.22 -6.24 1.94
C VAL A 299 -3.17 -6.96 0.59
N ILE A 300 -3.33 -8.29 0.59
CA ILE A 300 -3.44 -9.00 -0.68
C ILE A 300 -4.92 -9.00 -1.02
N CYS A 301 -5.27 -8.51 -2.21
CA CYS A 301 -6.66 -8.45 -2.66
C CYS A 301 -7.05 -9.59 -3.62
N CYS A 302 -8.24 -10.18 -3.42
CA CYS A 302 -8.63 -11.29 -4.32
C CYS A 302 -10.06 -11.20 -4.78
N SER A 303 -10.28 -11.76 -5.96
CA SER A 303 -11.57 -12.02 -6.49
C SER A 303 -11.94 -13.39 -5.97
N PRO A 304 -13.20 -13.58 -5.56
CA PRO A 304 -13.63 -14.94 -5.18
C PRO A 304 -13.99 -15.86 -6.38
N SER A 305 -13.97 -15.36 -7.62
CA SER A 305 -14.47 -16.12 -8.78
C SER A 305 -13.69 -17.37 -9.15
N SER A 306 -14.45 -18.43 -9.48
CA SER A 306 -13.92 -19.67 -10.03
C SER A 306 -13.06 -19.43 -11.28
N TYR A 307 -13.27 -18.29 -11.92
CA TYR A 307 -12.56 -17.98 -13.17
C TYR A 307 -11.09 -17.68 -12.92
N ASN A 308 -10.84 -17.10 -11.75
CA ASN A 308 -9.55 -16.58 -11.38
C ASN A 308 -8.82 -17.45 -10.38
N GLU A 309 -9.16 -18.73 -10.36
CA GLU A 309 -8.70 -19.59 -9.27
C GLU A 309 -7.17 -19.56 -9.17
N SER A 310 -6.49 -19.73 -10.31
CA SER A 310 -5.03 -19.87 -10.27
C SER A 310 -4.24 -18.57 -9.96
N GLU A 311 -4.72 -17.42 -10.46
CA GLU A 311 -4.18 -16.11 -10.08
C GLU A 311 -4.40 -15.79 -8.61
N THR A 312 -5.58 -16.09 -8.09
CA THR A 312 -5.83 -16.02 -6.65
C THR A 312 -4.85 -16.94 -5.86
N LYS A 313 -4.68 -18.17 -6.30
CA LYS A 313 -3.76 -19.10 -5.62
C LYS A 313 -2.36 -18.42 -5.56
N SER A 314 -1.92 -17.95 -6.73
CA SER A 314 -0.72 -17.11 -6.85
C SER A 314 -0.62 -15.90 -5.88
N THR A 315 -1.71 -15.12 -5.78
CA THR A 315 -1.78 -14.04 -4.81
C THR A 315 -1.61 -14.54 -3.35
N LEU A 316 -2.29 -15.64 -2.98
CA LEU A 316 -2.12 -16.23 -1.64
C LEU A 316 -0.68 -16.71 -1.37
N LEU A 317 -0.13 -17.46 -2.31
CA LEU A 317 1.26 -17.89 -2.30
C LEU A 317 2.21 -16.72 -2.01
N PHE A 318 2.06 -15.62 -2.77
CA PHE A 318 2.78 -14.37 -2.51
C PHE A 318 2.59 -13.81 -1.10
N GLY A 319 1.35 -13.68 -0.66
CA GLY A 319 1.04 -13.36 0.75
C GLY A 319 1.76 -14.20 1.77
N GLN A 320 1.88 -15.50 1.55
CA GLN A 320 2.63 -16.36 2.48
C GLN A 320 4.16 -16.27 2.55
N ARG A 321 4.82 -15.65 1.55
CA ARG A 321 6.26 -15.47 1.67
C ARG A 321 6.65 -14.87 3.04
N ALA A 322 5.75 -14.13 3.67
CA ALA A 322 6.04 -13.36 4.89
C ALA A 322 5.91 -14.15 6.19
N LYS A 323 5.47 -15.39 6.08
CA LYS A 323 5.28 -16.25 7.25
C LYS A 323 6.68 -16.68 7.73
N THR A 324 7.06 -16.27 8.94
CA THR A 324 8.43 -16.54 9.48
C THR A 324 8.80 -18.04 9.49
N ILE A 325 10.06 -18.36 9.21
CA ILE A 325 10.53 -19.75 9.23
C ILE A 325 11.77 -19.87 10.13
#